data_7SGC
#
_entry.id   7SGC
#
_cell.length_a   109.161
_cell.length_b   83.051
_cell.length_c   74.349
_cell.angle_alpha   90.000
_cell.angle_beta   123.948
_cell.angle_gamma   90.000
#
_symmetry.space_group_name_H-M   'C 1 2 1'
#
loop_
_entity.id
_entity.type
_entity.pdbx_description
1 polymer "DNA (5'-D(P*CP*CP*TP*GP*TP*GP*AP*CP*AP*AP*AP*TP*TP*GP*CP*CP*CP*TP*CP*AP*G)-3')"
2 polymer "DNA (5'-D(P*CP*TP*GP*AP*GP*GP*GP*CP*AP*AP*TP*TP*TP*GP*TP*CP*AP*CP*AP*GP*G)-3')"
3 polymer 'RepB family plasmid replication initiator protein'
4 polymer 'Unidentified polymer'
5 polymer 'Unidentified polymer'
6 non-polymer 'MAGNESIUM ION'
7 water water
#
loop_
_entity_poly.entity_id
_entity_poly.type
_entity_poly.pdbx_seq_one_letter_code
_entity_poly.pdbx_strand_id
1 'polydeoxyribonucleotide'
;(DC)(DC)(DT)(DG)(DT)(DG)(DA)(DC)(DA)(DA)(DA)(DT)(DT)(DG)(DC)(DC)(DC)(DT)(DC)(DA)
(DG)
;
A
2 'polydeoxyribonucleotide'
;(DC)(DT)(DG)(DA)(DG)(DG)(DG)(DC)(DA)(DA)(DT)(DT)(DT)(DG)(DT)(DC)(DA)(DC)(DA)(DG)
(DG)
;
B
3 'polypeptide(L)'
;MRGSHHHHHHGSMAETAVINHKKRKNSPRIVQSNDLTEAAYSLSRDQKRMLYLFVDQIRKSDGTLQEHDGICEIHVAKYA
EIFGLTSAEASKDIRQALKSFAGKEVVFYRPEEDAGDEKGYESFPWFIKPAHSPSRGLYSVHINPYLIPFFIGLQNRFTQ
FRLSETKEITNPYAMRLYESLCQYRKPDGSGIVSLKIDWIIERYQLPQSYQRMPDFRRRFLQVCVNEINSRTPMRLSYIE
KKKGRQTTHIVFSFRDITSMTTG
;
C
4 'polypeptide(L)' (UNK)(UNK)(UNK) G
5 'polypeptide(L)' (UNK)(UNK)(UNK)(UNK) D
#
# COMPACT_ATOMS: atom_id res chain seq x y z
N LYS C 23 -7.72 13.13 -17.07
CA LYS C 23 -6.56 13.41 -16.23
C LYS C 23 -6.56 12.54 -14.97
N ARG C 24 -5.46 11.81 -14.79
CA ARG C 24 -5.20 11.02 -13.58
C ARG C 24 -5.11 11.89 -12.32
N LYS C 25 -4.98 13.21 -12.48
CA LYS C 25 -4.80 14.18 -11.41
C LYS C 25 -6.05 14.39 -10.55
N ASN C 26 -7.19 13.75 -10.87
CA ASN C 26 -8.42 13.96 -10.12
C ASN C 26 -8.34 13.39 -8.71
N SER C 27 -7.54 12.36 -8.50
CA SER C 27 -7.50 11.72 -7.19
C SER C 27 -6.47 12.38 -6.30
N PRO C 28 -6.63 12.22 -4.98
CA PRO C 28 -5.57 12.57 -4.04
C PRO C 28 -4.21 12.02 -4.47
N ARG C 29 -3.17 12.78 -4.20
CA ARG C 29 -1.80 12.35 -4.42
C ARG C 29 -1.26 11.75 -3.13
N ILE C 30 -1.08 10.44 -3.12
CA ILE C 30 -0.40 9.79 -1.99
C ILE C 30 1.10 9.91 -2.18
N VAL C 31 1.78 10.41 -1.17
CA VAL C 31 3.21 10.54 -1.17
C VAL C 31 3.70 9.97 0.17
N GLN C 32 4.31 8.78 0.12
CA GLN C 32 4.88 8.12 1.28
C GLN C 32 6.39 7.96 1.14
N SER C 33 7.05 7.90 2.29
CA SER C 33 8.47 7.61 2.34
C SER C 33 8.76 6.20 1.88
N ASN C 34 9.90 6.04 1.23
CA ASN C 34 10.30 4.71 0.77
C ASN C 34 10.50 3.74 1.93
N ASP C 35 10.78 4.26 3.12
CA ASP C 35 10.88 3.40 4.29
C ASP C 35 9.55 2.71 4.56
N LEU C 36 8.45 3.43 4.38
CA LEU C 36 7.14 2.83 4.51
C LEU C 36 6.89 1.84 3.39
N THR C 37 7.13 2.25 2.14
CA THR C 37 6.97 1.34 1.01
C THR C 37 7.67 0.01 1.25
N GLU C 38 8.77 0.01 2.01
CA GLU C 38 9.57 -1.18 2.20
C GLU C 38 9.42 -1.83 3.57
N ALA C 39 8.52 -1.33 4.43
CA ALA C 39 8.44 -1.87 5.78
C ALA C 39 7.79 -3.25 5.79
N ALA C 40 7.98 -3.96 6.91
CA ALA C 40 7.41 -5.30 7.09
C ALA C 40 6.18 -5.18 7.98
N TYR C 41 5.01 -5.51 7.43
CA TYR C 41 3.76 -5.44 8.18
C TYR C 41 2.70 -6.30 7.50
N SER C 42 1.64 -6.62 8.26
CA SER C 42 0.41 -7.18 7.72
C SER C 42 -0.77 -6.23 7.94
N LEU C 43 -1.57 -6.04 6.89
CA LEU C 43 -2.78 -5.21 6.91
C LEU C 43 -3.70 -5.72 5.81
N SER C 44 -5.00 -5.58 6.05
CA SER C 44 -6.00 -5.95 5.07
C SER C 44 -6.12 -4.84 4.03
N ARG C 45 -6.78 -5.18 2.91
CA ARG C 45 -7.15 -4.15 1.95
C ARG C 45 -7.81 -2.97 2.63
N ASP C 46 -8.75 -3.27 3.56
CA ASP C 46 -9.54 -2.21 4.18
C ASP C 46 -8.70 -1.38 5.13
N GLN C 47 -7.76 -2.04 5.83
CA GLN C 47 -6.89 -1.29 6.70
C GLN C 47 -5.96 -0.37 5.92
N LYS C 48 -5.59 -0.77 4.69
CA LYS C 48 -4.73 0.06 3.85
C LYS C 48 -5.51 1.18 3.17
N ARG C 49 -6.71 0.90 2.67
CA ARG C 49 -7.54 1.97 2.10
C ARG C 49 -7.62 3.15 3.04
N MET C 50 -7.79 2.88 4.33
CA MET C 50 -7.73 3.91 5.37
C MET C 50 -6.32 4.49 5.53
N LEU C 51 -5.28 3.62 5.54
CA LEU C 51 -3.92 4.12 5.69
C LEU C 51 -3.57 5.21 4.69
N TYR C 52 -4.04 5.06 3.44
CA TYR C 52 -3.88 6.12 2.46
C TYR C 52 -4.51 7.43 2.91
N LEU C 53 -5.74 7.38 3.45
CA LEU C 53 -6.44 8.60 3.85
C LEU C 53 -5.75 9.30 5.03
N PHE C 54 -5.12 8.52 5.92
CA PHE C 54 -4.41 9.09 7.06
C PHE C 54 -3.14 9.83 6.63
N VAL C 55 -2.29 9.21 5.81
CA VAL C 55 -1.07 9.87 5.37
C VAL C 55 -1.36 11.17 4.60
N ASP C 56 -2.41 11.18 3.79
CA ASP C 56 -2.88 12.42 3.16
C ASP C 56 -3.08 13.53 4.19
N GLN C 57 -3.60 13.20 5.36
CA GLN C 57 -4.03 14.24 6.27
C GLN C 57 -2.90 14.80 7.14
N ILE C 58 -1.95 13.98 7.61
CA ILE C 58 -0.72 14.56 8.12
C ILE C 58 -0.10 15.49 7.10
N ARG C 59 0.03 15.02 5.85
CA ARG C 59 0.66 15.81 4.80
C ARG C 59 0.16 17.24 4.74
N LYS C 60 -1.01 17.53 5.33
CA LYS C 60 -1.58 18.87 5.30
C LYS C 60 -1.49 19.56 6.66
N SER C 61 -0.47 19.23 7.44
CA SER C 61 -0.15 19.90 8.69
C SER C 61 1.32 19.68 9.06
N GLU C 67 4.51 19.78 12.62
CA GLU C 67 3.80 20.13 13.86
C GLU C 67 2.54 19.29 14.05
N HIS C 68 2.46 18.13 13.39
CA HIS C 68 1.25 17.33 13.51
C HIS C 68 1.29 16.47 14.78
N ASP C 69 0.10 16.07 15.23
CA ASP C 69 -0.05 15.42 16.52
C ASP C 69 -0.45 13.95 16.46
N GLY C 70 -1.13 13.52 15.40
CA GLY C 70 -1.46 12.13 15.20
C GLY C 70 -2.95 11.85 15.13
N ILE C 71 -3.80 12.80 15.51
CA ILE C 71 -5.25 12.61 15.48
C ILE C 71 -5.75 12.73 14.04
N CYS C 72 -6.45 11.71 13.58
CA CYS C 72 -7.06 11.75 12.26
C CYS C 72 -8.55 11.43 12.38
N GLU C 73 -9.30 11.79 11.34
CA GLU C 73 -10.76 11.64 11.36
CA GLU C 73 -10.76 11.66 11.35
C GLU C 73 -11.21 10.98 10.07
N ILE C 74 -12.24 10.12 10.18
CA ILE C 74 -12.81 9.46 9.01
C ILE C 74 -14.32 9.66 9.05
N HIS C 75 -14.92 10.06 7.92
CA HIS C 75 -16.37 10.16 7.81
C HIS C 75 -16.92 9.01 6.98
N VAL C 76 -17.85 8.25 7.54
CA VAL C 76 -18.48 7.15 6.79
C VAL C 76 -19.00 7.63 5.44
N ALA C 77 -19.67 8.78 5.41
CA ALA C 77 -20.32 9.20 4.17
C ALA C 77 -19.28 9.44 3.09
N LYS C 78 -18.15 10.04 3.46
N LYS C 78 -18.15 10.04 3.46
CA LYS C 78 -17.09 10.36 2.51
CA LYS C 78 -17.13 10.33 2.46
C LYS C 78 -16.39 9.09 2.03
C LYS C 78 -16.41 9.07 2.01
N TYR C 79 -16.12 8.16 2.95
CA TYR C 79 -15.43 6.93 2.60
C TYR C 79 -16.24 6.12 1.59
N ALA C 80 -17.56 6.30 1.59
CA ALA C 80 -18.40 5.59 0.63
C ALA C 80 -18.31 6.21 -0.75
N GLU C 81 -18.35 7.55 -0.85
CA GLU C 81 -18.05 8.22 -2.11
C GLU C 81 -16.74 7.69 -2.74
N ILE C 82 -15.69 7.64 -1.93
CA ILE C 82 -14.35 7.39 -2.44
C ILE C 82 -14.23 5.96 -2.98
N PHE C 83 -14.75 4.97 -2.28
CA PHE C 83 -14.56 3.58 -2.69
C PHE C 83 -15.82 2.94 -3.30
N GLY C 84 -16.78 3.72 -3.76
CA GLY C 84 -17.88 3.14 -4.52
C GLY C 84 -18.74 2.16 -3.74
N LEU C 85 -19.03 2.49 -2.47
CA LEU C 85 -19.70 1.61 -1.54
C LEU C 85 -20.97 2.26 -1.01
N THR C 86 -21.82 1.42 -0.42
CA THR C 86 -22.99 1.92 0.30
C THR C 86 -22.65 2.28 1.74
N SER C 87 -23.51 3.18 2.26
CA SER C 87 -23.37 3.74 3.60
C SER C 87 -23.25 2.65 4.65
N ALA C 88 -24.14 1.65 4.58
CA ALA C 88 -24.07 0.57 5.57
C ALA C 88 -22.80 -0.27 5.42
N GLU C 89 -22.34 -0.49 4.18
CA GLU C 89 -21.15 -1.30 3.96
C GLU C 89 -19.89 -0.54 4.35
N ALA C 90 -19.86 0.78 4.14
CA ALA C 90 -18.67 1.53 4.55
C ALA C 90 -18.50 1.48 6.07
N SER C 91 -19.62 1.64 6.81
CA SER C 91 -19.60 1.50 8.26
C SER C 91 -19.07 0.14 8.70
N LYS C 92 -19.47 -0.93 8.02
CA LYS C 92 -18.94 -2.26 8.37
C LYS C 92 -17.44 -2.30 8.17
N ASP C 93 -16.98 -1.87 7.00
CA ASP C 93 -15.56 -1.95 6.67
C ASP C 93 -14.74 -1.13 7.66
N ILE C 94 -15.09 0.14 7.90
CA ILE C 94 -14.37 0.91 8.92
C ILE C 94 -14.40 0.21 10.27
N ARG C 95 -15.58 -0.26 10.70
CA ARG C 95 -15.70 -0.67 12.10
C ARG C 95 -14.85 -1.91 12.41
N GLN C 96 -14.73 -2.83 11.45
CA GLN C 96 -13.93 -4.02 11.66
C GLN C 96 -12.43 -3.74 11.44
N ALA C 97 -12.06 -2.93 10.45
CA ALA C 97 -10.67 -2.52 10.28
C ALA C 97 -10.09 -1.89 11.56
N LEU C 98 -10.77 -0.88 12.08
CA LEU C 98 -10.32 -0.18 13.27
C LEU C 98 -10.08 -1.12 14.44
N LYS C 99 -10.94 -2.15 14.60
CA LYS C 99 -10.74 -3.14 15.65
C LYS C 99 -9.49 -3.99 15.41
N SER C 100 -9.14 -4.23 14.15
CA SER C 100 -8.09 -5.16 13.80
C SER C 100 -6.71 -4.52 13.78
N PHE C 101 -6.60 -3.25 14.17
CA PHE C 101 -5.26 -2.70 14.30
C PHE C 101 -4.60 -3.12 15.60
N ALA C 102 -5.39 -3.51 16.59
CA ALA C 102 -4.86 -3.89 17.89
C ALA C 102 -3.80 -4.97 17.77
N GLY C 103 -2.63 -4.69 18.30
CA GLY C 103 -1.54 -5.63 18.25
C GLY C 103 -0.74 -5.65 16.96
N LYS C 104 -1.08 -4.83 15.97
CA LYS C 104 -0.34 -4.75 14.71
C LYS C 104 0.87 -3.82 14.89
N GLU C 105 2.08 -4.40 14.84
CA GLU C 105 3.33 -3.65 14.79
C GLU C 105 3.74 -3.37 13.34
N VAL C 106 4.56 -2.36 13.17
CA VAL C 106 5.17 -2.09 11.88
C VAL C 106 6.67 -1.95 12.11
N VAL C 107 7.46 -2.55 11.22
CA VAL C 107 8.89 -2.74 11.44
C VAL C 107 9.66 -2.16 10.26
N PHE C 108 10.60 -1.26 10.58
CA PHE C 108 11.43 -0.56 9.61
C PHE C 108 12.85 -1.07 9.66
N TYR C 109 13.50 -1.05 8.50
CA TYR C 109 14.77 -1.70 8.28
C TYR C 109 15.88 -0.74 7.83
N LYS C 119 21.22 -2.73 7.60
CA LYS C 119 19.79 -2.50 7.31
C LYS C 119 19.12 -1.59 8.33
N GLY C 120 18.62 -2.18 9.40
CA GLY C 120 17.91 -1.49 10.47
C GLY C 120 16.81 -2.38 11.03
N TYR C 121 16.36 -2.07 12.25
CA TYR C 121 15.35 -2.90 12.91
C TYR C 121 14.64 -2.08 14.00
N GLU C 122 13.49 -1.49 13.64
CA GLU C 122 12.74 -0.63 14.56
C GLU C 122 11.24 -0.96 14.48
N SER C 123 10.68 -1.48 15.57
CA SER C 123 9.27 -1.87 15.61
C SER C 123 8.44 -0.89 16.43
N PHE C 124 7.34 -0.40 15.84
CA PHE C 124 6.37 0.53 16.40
C PHE C 124 4.94 0.02 16.29
N PRO C 125 4.08 0.38 17.23
CA PRO C 125 2.64 0.11 17.07
C PRO C 125 1.91 1.21 16.31
N TRP C 126 0.89 0.80 15.54
CA TRP C 126 0.21 1.77 14.66
C TRP C 126 -0.60 2.76 15.48
N PHE C 127 -1.47 2.26 16.38
CA PHE C 127 -2.34 3.07 17.20
C PHE C 127 -1.90 2.99 18.65
N ILE C 128 -1.97 4.11 19.38
CA ILE C 128 -1.66 4.12 20.81
C ILE C 128 -2.90 4.22 21.72
N LYS C 129 -4.05 4.56 21.17
CA LYS C 129 -5.36 4.66 21.81
C LYS C 129 -6.34 3.91 20.92
N PRO C 130 -7.38 3.31 21.50
CA PRO C 130 -8.46 2.75 20.66
C PRO C 130 -9.24 3.85 19.94
N ALA C 131 -9.77 3.51 18.76
CA ALA C 131 -10.53 4.50 18.00
C ALA C 131 -11.93 4.64 18.59
N HIS C 132 -12.58 5.77 18.34
CA HIS C 132 -13.93 5.93 18.88
C HIS C 132 -14.68 6.96 18.06
N SER C 133 -16.00 6.99 18.27
CA SER C 133 -16.89 7.80 17.43
C SER C 133 -17.68 8.79 18.27
N PRO C 134 -17.43 10.09 18.14
CA PRO C 134 -18.19 11.06 18.95
C PRO C 134 -19.47 11.57 18.31
N SER C 135 -19.51 11.59 16.99
CA SER C 135 -20.69 11.96 16.23
C SER C 135 -21.07 10.82 15.30
N ARG C 136 -22.37 10.70 15.03
CA ARG C 136 -22.88 9.68 14.14
C ARG C 136 -22.19 9.74 12.78
N GLY C 137 -21.56 8.63 12.40
CA GLY C 137 -20.91 8.55 11.11
C GLY C 137 -19.55 9.19 11.03
N LEU C 138 -18.76 9.15 12.10
CA LEU C 138 -17.47 9.83 12.17
C LEU C 138 -16.63 9.17 13.25
N TYR C 139 -15.43 8.71 12.90
CA TYR C 139 -14.55 8.09 13.87
C TYR C 139 -13.26 8.90 14.04
N SER C 140 -12.71 8.81 15.25
CA SER C 140 -11.51 9.53 15.67
C SER C 140 -10.40 8.55 16.03
N VAL C 141 -9.28 8.59 15.30
CA VAL C 141 -8.19 7.65 15.49
C VAL C 141 -6.95 8.40 15.95
N HIS C 142 -6.13 7.73 16.73
N HIS C 142 -6.17 7.78 16.84
CA HIS C 142 -4.92 8.30 17.31
CA HIS C 142 -4.89 8.34 17.26
C HIS C 142 -3.70 7.48 16.86
C HIS C 142 -3.77 7.43 16.76
N ILE C 143 -3.10 7.88 15.72
CA ILE C 143 -1.94 7.20 15.19
C ILE C 143 -0.69 7.59 15.97
N ASN C 144 0.21 6.62 16.14
CA ASN C 144 1.40 6.73 16.98
C ASN C 144 2.25 7.91 16.55
N PRO C 145 2.51 8.85 17.43
CA PRO C 145 3.28 10.03 17.06
C PRO C 145 4.70 9.75 16.67
N TYR C 146 5.19 8.52 16.71
CA TYR C 146 6.53 8.38 16.19
C TYR C 146 6.58 8.05 14.72
N LEU C 147 5.45 7.69 14.11
CA LEU C 147 5.58 7.20 12.75
C LEU C 147 5.66 8.34 11.75
N ILE C 148 5.37 9.57 12.16
CA ILE C 148 5.15 10.66 11.19
C ILE C 148 6.39 10.94 10.35
N PRO C 149 7.60 11.08 10.91
CA PRO C 149 8.77 11.27 10.04
C PRO C 149 8.96 10.13 9.07
N PHE C 150 8.63 8.91 9.48
CA PHE C 150 8.58 7.80 8.53
C PHE C 150 7.53 8.03 7.45
N PHE C 151 6.51 8.84 7.70
CA PHE C 151 5.62 9.06 6.56
C PHE C 151 6.13 10.14 5.64
N ILE C 152 6.61 11.23 6.23
CA ILE C 152 7.12 12.42 5.56
C ILE C 152 8.64 12.30 5.45
N GLY C 153 9.09 11.58 4.43
CA GLY C 153 10.48 11.20 4.33
C GLY C 153 11.44 12.33 3.97
N LEU C 154 12.70 11.93 3.79
CA LEU C 154 13.73 12.84 3.33
C LEU C 154 13.66 13.02 1.82
N GLN C 155 14.05 14.23 1.37
CA GLN C 155 13.85 14.67 -0.01
C GLN C 155 14.40 13.66 -1.02
N ASN C 156 13.64 13.47 -2.10
CA ASN C 156 14.00 12.59 -3.23
C ASN C 156 14.36 11.18 -2.76
N ARG C 157 13.52 10.63 -1.89
CA ARG C 157 13.71 9.25 -1.45
C ARG C 157 12.35 8.64 -1.14
N PHE C 158 11.40 8.83 -2.05
CA PHE C 158 10.00 8.64 -1.71
C PHE C 158 9.23 8.06 -2.88
N THR C 159 8.05 7.52 -2.55
CA THR C 159 7.13 6.89 -3.48
C THR C 159 5.86 7.75 -3.61
N GLN C 160 5.19 7.69 -4.77
CA GLN C 160 4.00 8.52 -4.98
C GLN C 160 3.07 7.95 -6.06
N PHE C 161 1.76 8.09 -5.84
CA PHE C 161 0.72 7.57 -6.73
C PHE C 161 -0.62 8.24 -6.42
N ARG C 162 -1.46 8.40 -7.44
CA ARG C 162 -2.83 8.84 -7.25
C ARG C 162 -3.70 7.74 -6.64
N LEU C 163 -4.70 8.16 -5.84
CA LEU C 163 -5.57 7.21 -5.15
C LEU C 163 -6.40 6.39 -6.13
N SER C 164 -6.81 7.02 -7.24
CA SER C 164 -7.54 6.29 -8.27
C SER C 164 -6.76 5.10 -8.78
N GLU C 165 -5.45 5.25 -8.99
CA GLU C 165 -4.64 4.14 -9.49
C GLU C 165 -4.85 2.89 -8.65
N THR C 166 -5.05 3.04 -7.34
CA THR C 166 -5.11 1.86 -6.49
C THR C 166 -6.46 1.57 -5.83
N LYS C 167 -7.53 2.33 -6.13
CA LYS C 167 -8.74 2.08 -5.36
C LYS C 167 -9.49 0.81 -5.80
N GLU C 168 -9.39 0.37 -7.07
CA GLU C 168 -10.02 -0.90 -7.45
C GLU C 168 -9.15 -2.16 -7.21
N ILE C 169 -7.92 -2.11 -6.64
CA ILE C 169 -7.26 -3.38 -6.28
C ILE C 169 -8.04 -4.05 -5.14
N THR C 170 -7.99 -5.38 -5.06
CA THR C 170 -8.63 -6.09 -3.96
C THR C 170 -7.67 -6.82 -3.05
N ASN C 171 -6.72 -7.59 -3.60
CA ASN C 171 -5.77 -8.34 -2.77
C ASN C 171 -4.78 -7.36 -2.13
N PRO C 172 -4.60 -7.40 -0.82
CA PRO C 172 -3.64 -6.44 -0.21
C PRO C 172 -2.24 -6.63 -0.72
N TYR C 173 -1.79 -7.90 -0.92
CA TYR C 173 -0.46 -8.17 -1.45
C TYR C 173 -0.29 -7.56 -2.83
N ALA C 174 -1.30 -7.67 -3.70
CA ALA C 174 -1.22 -6.90 -4.93
C ALA C 174 -1.14 -5.40 -4.67
N MET C 175 -1.51 -4.93 -3.49
CA MET C 175 -1.35 -3.49 -3.31
C MET C 175 0.10 -3.20 -2.94
N ARG C 176 0.70 -4.08 -2.12
CA ARG C 176 2.10 -3.88 -1.74
C ARG C 176 3.01 -3.84 -2.97
N LEU C 177 2.82 -4.80 -3.89
CA LEU C 177 3.64 -4.86 -5.08
C LEU C 177 3.48 -3.61 -5.94
N TYR C 178 2.23 -3.12 -6.08
CA TYR C 178 2.03 -1.91 -6.88
C TYR C 178 2.74 -0.72 -6.25
N GLU C 179 2.79 -0.68 -4.93
CA GLU C 179 3.55 0.36 -4.26
C GLU C 179 5.03 0.27 -4.64
N SER C 180 5.66 -0.89 -4.38
CA SER C 180 7.07 -1.06 -4.65
C SER C 180 7.41 -0.73 -6.11
N LEU C 181 6.65 -1.29 -7.05
CA LEU C 181 6.79 -0.89 -8.45
C LEU C 181 6.75 0.62 -8.63
N CYS C 182 5.82 1.31 -7.98
CA CYS C 182 5.76 2.76 -8.17
C CYS C 182 7.05 3.43 -7.74
N GLN C 183 7.70 2.89 -6.70
CA GLN C 183 8.96 3.45 -6.20
C GLN C 183 10.04 3.60 -7.29
N TYR C 184 10.02 2.76 -8.33
CA TYR C 184 11.02 2.82 -9.38
C TYR C 184 10.52 3.53 -10.63
N ARG C 185 9.33 4.10 -10.58
CA ARG C 185 8.71 4.66 -11.78
C ARG C 185 9.42 5.94 -12.19
N LYS C 186 9.78 6.02 -13.47
CA LYS C 186 10.38 7.25 -13.99
C LYS C 186 9.27 8.25 -14.24
N PRO C 187 9.61 9.53 -14.47
CA PRO C 187 8.61 10.51 -14.90
C PRO C 187 7.60 10.02 -15.93
N ASP C 188 7.91 9.03 -16.75
CA ASP C 188 7.06 8.67 -17.87
C ASP C 188 6.28 7.39 -17.60
N GLY C 189 6.23 6.95 -16.35
CA GLY C 189 5.40 5.80 -16.04
C GLY C 189 5.93 4.47 -16.52
N SER C 190 7.23 4.37 -16.77
CA SER C 190 7.88 3.12 -17.11
C SER C 190 8.92 2.81 -16.04
N GLY C 191 9.30 1.54 -15.97
CA GLY C 191 10.38 1.19 -15.06
C GLY C 191 10.68 -0.29 -15.12
N ILE C 192 11.80 -0.64 -14.48
CA ILE C 192 12.30 -2.00 -14.44
C ILE C 192 12.97 -2.17 -13.09
N VAL C 193 12.72 -3.30 -12.43
CA VAL C 193 13.26 -3.54 -11.10
C VAL C 193 13.33 -5.03 -10.82
N SER C 194 14.36 -5.44 -10.07
CA SER C 194 14.55 -6.82 -9.62
C SER C 194 14.37 -6.91 -8.11
N LEU C 195 13.42 -7.73 -7.66
CA LEU C 195 13.19 -7.99 -6.25
C LEU C 195 13.54 -9.44 -5.90
N LYS C 196 14.28 -9.62 -4.81
CA LYS C 196 14.65 -10.96 -4.37
C LYS C 196 13.51 -11.61 -3.60
N ILE C 197 13.23 -12.90 -3.88
CA ILE C 197 11.99 -13.49 -3.38
C ILE C 197 11.98 -13.56 -1.85
N ASP C 198 13.11 -13.91 -1.24
N ASP C 198 13.11 -13.94 -1.25
CA ASP C 198 13.13 -13.98 0.22
CA ASP C 198 13.14 -13.97 0.21
C ASP C 198 12.91 -12.62 0.84
C ASP C 198 12.78 -12.62 0.78
N TRP C 199 13.10 -11.53 0.07
CA TRP C 199 12.81 -10.19 0.57
C TRP C 199 11.33 -9.88 0.46
N ILE C 200 10.68 -10.35 -0.61
CA ILE C 200 9.23 -10.22 -0.76
C ILE C 200 8.49 -10.95 0.37
N ILE C 201 8.96 -12.14 0.75
CA ILE C 201 8.33 -12.88 1.82
C ILE C 201 8.42 -12.12 3.14
N GLU C 202 9.56 -11.46 3.40
CA GLU C 202 9.77 -10.84 4.71
C GLU C 202 9.02 -9.51 4.84
N ARG C 203 9.04 -8.67 3.82
CA ARG C 203 8.46 -7.34 3.97
C ARG C 203 6.94 -7.38 3.76
N TYR C 204 6.48 -8.07 2.72
CA TYR C 204 5.05 -8.23 2.51
C TYR C 204 4.44 -9.20 3.52
N GLN C 205 5.26 -9.85 4.33
CA GLN C 205 4.88 -10.84 5.35
C GLN C 205 3.85 -11.85 4.82
N LEU C 206 4.25 -12.57 3.73
CA LEU C 206 3.39 -13.55 3.07
C LEU C 206 3.27 -14.81 3.91
N PRO C 207 2.17 -15.57 3.73
CA PRO C 207 1.97 -16.81 4.51
C PRO C 207 3.00 -17.89 4.22
N GLN C 208 3.12 -18.85 5.15
CA GLN C 208 4.25 -19.77 5.10
C GLN C 208 4.18 -20.70 3.89
N SER C 209 2.99 -21.18 3.51
CA SER C 209 2.95 -22.13 2.41
C SER C 209 3.50 -21.55 1.09
N TYR C 210 3.85 -20.26 1.03
CA TYR C 210 4.38 -19.68 -0.21
C TYR C 210 5.91 -19.75 -0.28
N GLN C 211 6.58 -20.19 0.79
CA GLN C 211 7.99 -20.54 0.72
CA GLN C 211 7.99 -20.48 0.66
C GLN C 211 8.23 -21.72 -0.20
N ARG C 212 7.18 -22.46 -0.55
CA ARG C 212 7.25 -23.52 -1.53
C ARG C 212 6.73 -22.93 -2.83
N MET C 213 7.62 -22.85 -3.80
CA MET C 213 7.62 -21.88 -4.89
C MET C 213 6.45 -22.07 -5.86
N PRO C 214 6.08 -23.33 -6.22
CA PRO C 214 4.83 -23.53 -6.97
C PRO C 214 3.57 -22.89 -6.35
N ASP C 215 3.48 -22.77 -5.03
CA ASP C 215 2.34 -22.08 -4.41
C ASP C 215 2.49 -20.56 -4.51
N PHE C 216 3.67 -20.02 -4.15
CA PHE C 216 4.04 -18.63 -4.44
C PHE C 216 3.68 -18.25 -5.87
N ARG C 217 4.10 -19.06 -6.86
CA ARG C 217 3.69 -18.81 -8.24
C ARG C 217 2.17 -18.65 -8.38
N ARG C 218 1.39 -19.61 -7.83
CA ARG C 218 -0.02 -19.78 -8.20
C ARG C 218 -0.96 -18.85 -7.42
N ARG C 219 -0.74 -18.68 -6.11
CA ARG C 219 -1.62 -17.87 -5.27
C ARG C 219 -1.13 -16.44 -5.01
N PHE C 220 0.08 -16.07 -5.44
CA PHE C 220 0.59 -14.70 -5.27
C PHE C 220 1.03 -14.05 -6.58
N LEU C 221 1.98 -14.63 -7.30
CA LEU C 221 2.53 -13.96 -8.49
C LEU C 221 1.48 -13.79 -9.58
N GLN C 222 0.87 -14.88 -10.03
CA GLN C 222 -0.09 -14.75 -11.12
C GLN C 222 -1.29 -13.91 -10.72
N VAL C 223 -1.73 -14.02 -9.45
CA VAL C 223 -2.92 -13.31 -9.00
C VAL C 223 -2.65 -11.82 -8.90
N CYS C 224 -1.45 -11.45 -8.44
CA CYS C 224 -1.17 -10.03 -8.23
C CYS C 224 -0.78 -9.35 -9.52
N VAL C 225 -0.15 -10.08 -10.45
CA VAL C 225 0.21 -9.45 -11.71
C VAL C 225 -1.03 -9.26 -12.56
N ASN C 226 -1.92 -10.26 -12.59
N ASN C 226 -1.94 -10.26 -12.60
CA ASN C 226 -3.20 -10.15 -13.30
CA ASN C 226 -3.20 -10.10 -13.33
C ASN C 226 -4.06 -9.01 -12.77
C ASN C 226 -4.03 -8.95 -12.78
N GLU C 227 -3.95 -8.70 -11.48
CA GLU C 227 -4.82 -7.70 -10.90
C GLU C 227 -4.34 -6.31 -11.33
N ILE C 228 -3.04 -6.04 -11.18
CA ILE C 228 -2.46 -4.78 -11.65
C ILE C 228 -2.81 -4.55 -13.12
N ASN C 229 -2.73 -5.60 -13.92
CA ASN C 229 -2.97 -5.47 -15.34
C ASN C 229 -4.42 -5.14 -15.66
N SER C 230 -5.37 -5.45 -14.76
CA SER C 230 -6.80 -5.28 -15.01
C SER C 230 -7.43 -4.10 -14.29
N ARG C 231 -6.77 -3.59 -13.25
CA ARG C 231 -7.39 -2.66 -12.31
C ARG C 231 -6.71 -1.32 -12.28
N THR C 232 -5.49 -1.22 -12.79
CA THR C 232 -4.67 -0.04 -12.69
C THR C 232 -4.33 0.45 -14.09
N PRO C 233 -3.67 1.60 -14.25
CA PRO C 233 -3.21 1.98 -15.59
C PRO C 233 -1.89 1.34 -15.98
N MET C 234 -1.25 0.60 -15.08
CA MET C 234 0.05 -0.02 -15.35
C MET C 234 -0.07 -1.28 -16.22
N ARG C 235 0.96 -1.52 -17.01
CA ARG C 235 1.06 -2.71 -17.86
C ARG C 235 2.37 -3.43 -17.54
N LEU C 236 2.27 -4.67 -17.05
CA LEU C 236 3.31 -5.33 -16.28
C LEU C 236 3.68 -6.68 -16.88
N SER C 237 4.97 -6.96 -17.03
CA SER C 237 5.43 -8.31 -17.35
C SER C 237 6.55 -8.67 -16.38
N TYR C 238 7.01 -9.93 -16.43
CA TYR C 238 8.05 -10.35 -15.48
C TYR C 238 8.73 -11.62 -15.98
N ILE C 239 9.98 -11.81 -15.55
N ILE C 239 9.97 -11.80 -15.53
CA ILE C 239 10.77 -13.00 -15.84
CA ILE C 239 10.76 -13.00 -15.83
C ILE C 239 11.44 -13.45 -14.55
C ILE C 239 11.45 -13.46 -14.55
N GLU C 240 11.64 -14.77 -14.42
CA GLU C 240 12.25 -15.35 -13.22
C GLU C 240 13.74 -15.58 -13.43
N LYS C 241 14.46 -15.60 -12.31
CA LYS C 241 15.93 -15.71 -12.30
C LYS C 241 16.34 -16.96 -11.51
N LYS C 242 16.72 -18.02 -12.21
CA LYS C 242 17.15 -19.22 -11.50
C LYS C 242 18.62 -19.17 -11.17
N LYS C 243 18.99 -19.87 -10.11
CA LYS C 243 20.39 -20.09 -9.77
C LYS C 243 20.48 -21.53 -9.29
N GLY C 244 21.08 -22.39 -10.11
CA GLY C 244 20.97 -23.81 -9.82
C GLY C 244 19.54 -24.26 -10.04
N ARG C 245 19.08 -25.16 -9.20
CA ARG C 245 17.69 -25.59 -9.30
C ARG C 245 16.70 -24.58 -8.70
N GLN C 246 17.16 -23.49 -8.09
CA GLN C 246 16.28 -22.55 -7.38
C GLN C 246 15.93 -21.33 -8.21
N THR C 247 14.84 -20.68 -7.82
CA THR C 247 14.42 -19.38 -8.32
C THR C 247 14.69 -18.37 -7.21
N THR C 248 15.34 -17.25 -7.54
CA THR C 248 15.82 -16.34 -6.50
C THR C 248 15.31 -14.91 -6.62
N HIS C 249 14.93 -14.43 -7.81
CA HIS C 249 14.51 -13.05 -8.00
C HIS C 249 13.40 -13.05 -9.03
N ILE C 250 12.49 -12.09 -8.92
CA ILE C 250 11.55 -11.78 -9.98
C ILE C 250 11.99 -10.43 -10.55
N VAL C 251 11.99 -10.32 -11.87
CA VAL C 251 12.54 -9.17 -12.56
C VAL C 251 11.36 -8.52 -13.27
N PHE C 252 10.81 -7.46 -12.66
CA PHE C 252 9.59 -6.82 -13.11
C PHE C 252 9.88 -5.62 -14.00
N SER C 253 9.10 -5.45 -15.05
CA SER C 253 9.17 -4.22 -15.81
C SER C 253 7.78 -3.85 -16.31
N PHE C 254 7.58 -2.55 -16.58
CA PHE C 254 6.23 -2.02 -16.84
C PHE C 254 6.29 -0.73 -17.64
N ARG C 255 5.26 -0.52 -18.45
CA ARG C 255 4.97 0.75 -19.10
C ARG C 255 3.57 1.19 -18.67
N ASP C 256 3.25 2.45 -18.95
CA ASP C 256 1.91 2.97 -18.71
C ASP C 256 1.05 2.82 -19.95
N ILE C 257 -0.25 2.60 -19.75
CA ILE C 257 -1.18 2.62 -20.87
C ILE C 257 -1.22 3.96 -21.59
N THR C 258 -0.79 5.04 -20.94
CA THR C 258 -0.76 6.25 -21.77
C THR C 258 0.31 6.20 -22.99
N SER C 259 0.99 5.08 -23.26
CA SER C 259 1.91 4.95 -24.40
C SER C 259 1.16 4.97 -25.74
N UNK D 1 4.80 14.36 -17.59
CA UNK D 1 4.73 13.59 -16.34
C UNK D 1 3.41 12.81 -16.34
N UNK D 2 3.43 11.58 -15.82
CA UNK D 2 2.24 10.74 -15.89
C UNK D 2 1.28 11.04 -14.73
N UNK D 3 1.79 11.12 -13.50
CA UNK D 3 0.94 11.30 -12.32
C UNK D 3 1.51 12.35 -11.39
N UNK E 1 2.25 16.71 -10.81
CA UNK E 1 2.27 15.52 -11.62
C UNK E 1 1.00 15.39 -12.46
N UNK E 2 1.11 15.74 -13.74
CA UNK E 2 -0.03 15.90 -14.64
C UNK E 2 -0.94 14.67 -14.77
N UNK E 3 -2.02 14.83 -15.50
CA UNK E 3 -3.00 13.77 -15.64
C UNK E 3 -3.01 13.19 -17.04
N UNK E 4 -2.32 12.06 -17.22
CA UNK E 4 -2.27 11.37 -18.50
C UNK E 4 -3.62 10.74 -18.87
#